data_1XXP
#
_entry.id   1XXP
#
_cell.length_a   54.170
_cell.length_b   71.090
_cell.length_c   47.860
_cell.angle_alpha   111.80
_cell.angle_beta   90.00
_cell.angle_gamma   109.70
#
_symmetry.space_group_name_H-M   'P 1'
#
loop_
_entity.id
_entity.type
_entity.pdbx_description
1 polymer 'Protein-tyrosine phosphatase yopH'
2 polymer 'Hexapeptide ASP-ALA-ASP-GLU-PTR-CLE'
3 water water
#
loop_
_entity_poly.entity_id
_entity_poly.type
_entity_poly.pdbx_seq_one_letter_code
_entity_poly.pdbx_strand_id
1 'polypeptide(L)'
;PRERPHTSGHHGAGEARATAPSTVSPYGPEARAELSSRLTTLRNTLAPATNDPRYLQACGGEKLNRFRDIQCRRQTAVRA
DLNANYIQVGNTRTIACQYPLQSQLESHFRMLAENRTPVLAVLASSSEIANQRFGMPDYFRQSGTYGSITVESKMTQQVG
LGDGIMADMYTLTIREAGQKTISVPVVHVGNWPDQTAVSSEVTKALASLVDQTAETKRNMYESKGSSAVADDSKLRPVIH
SRAGVGRTAQLIGAMCMNDSRNSQLSVEDMVSQMRVQRNGIMVQKDEQLDVLIKLAEGQGRPLLNS
;
A,B
2 'polypeptide(L)' (ACE)DADE(PTR)L(NH2) C,D,E,F
#
# COMPACT_ATOMS: atom_id res chain seq x y z
N ALA A 20 -38.22 35.80 -10.70
CA ALA A 20 -37.39 36.46 -9.65
C ALA A 20 -38.18 36.62 -8.34
N PRO A 21 -37.50 36.49 -7.18
CA PRO A 21 -38.14 36.62 -5.85
C PRO A 21 -38.87 37.95 -5.65
N SER A 22 -38.22 38.91 -4.98
CA SER A 22 -38.80 40.24 -4.74
C SER A 22 -37.80 41.12 -3.96
N THR A 23 -36.77 41.60 -4.67
CA THR A 23 -35.74 42.46 -4.08
C THR A 23 -35.48 43.66 -5.00
N VAL A 24 -36.26 43.78 -6.07
CA VAL A 24 -36.13 44.86 -7.06
C VAL A 24 -34.68 45.24 -7.41
N SER A 25 -33.76 44.30 -7.18
CA SER A 25 -32.32 44.44 -7.47
C SER A 25 -31.68 43.11 -7.09
N PRO A 26 -31.86 42.08 -7.92
CA PRO A 26 -31.35 40.72 -7.74
C PRO A 26 -29.92 40.53 -7.22
N TYR A 27 -28.96 41.28 -7.76
CA TYR A 27 -27.58 41.11 -7.33
C TYR A 27 -27.04 42.35 -6.63
N GLY A 28 -27.94 43.15 -6.07
CA GLY A 28 -27.50 44.34 -5.37
C GLY A 28 -26.92 43.94 -4.03
N PRO A 29 -26.63 44.92 -3.16
CA PRO A 29 -26.07 44.64 -1.83
C PRO A 29 -27.06 44.01 -0.85
N GLU A 30 -28.27 44.56 -0.76
CA GLU A 30 -29.28 44.03 0.16
C GLU A 30 -29.50 42.56 -0.14
N ALA A 31 -29.58 42.25 -1.42
CA ALA A 31 -29.80 40.88 -1.86
C ALA A 31 -28.68 39.97 -1.37
N ARG A 32 -27.44 40.46 -1.42
CA ARG A 32 -26.32 39.66 -0.96
C ARG A 32 -26.35 39.49 0.54
N ALA A 33 -26.59 40.59 1.26
CA ALA A 33 -26.65 40.55 2.72
C ALA A 33 -27.63 39.48 3.17
N GLU A 34 -28.80 39.43 2.54
CA GLU A 34 -29.84 38.46 2.86
C GLU A 34 -29.36 37.02 2.60
N LEU A 35 -28.66 36.81 1.48
CA LEU A 35 -28.15 35.49 1.08
C LEU A 35 -27.22 34.90 2.11
N SER A 36 -26.30 35.72 2.60
CA SER A 36 -25.34 35.25 3.59
C SER A 36 -26.04 35.04 4.93
N SER A 37 -27.13 35.77 5.14
CA SER A 37 -27.91 35.67 6.37
C SER A 37 -28.48 34.28 6.49
N ARG A 38 -29.10 33.80 5.41
CA ARG A 38 -29.70 32.47 5.39
C ARG A 38 -28.64 31.38 5.41
N LEU A 39 -27.54 31.61 4.71
CA LEU A 39 -26.44 30.64 4.65
C LEU A 39 -25.79 30.40 6.00
N THR A 40 -25.54 31.49 6.72
CA THR A 40 -24.92 31.41 8.03
C THR A 40 -25.84 30.67 8.99
N THR A 41 -27.12 30.97 8.93
CA THR A 41 -28.06 30.31 9.82
C THR A 41 -27.99 28.81 9.60
N LEU A 42 -27.74 28.40 8.35
CA LEU A 42 -27.67 26.98 7.99
C LEU A 42 -26.35 26.34 8.43
N ARG A 43 -25.27 27.11 8.39
CA ARG A 43 -23.98 26.59 8.81
C ARG A 43 -24.03 26.22 10.30
N ASN A 44 -24.67 27.07 11.10
CA ASN A 44 -24.79 26.81 12.53
C ASN A 44 -25.68 25.60 12.77
N THR A 45 -26.80 25.54 12.05
CA THR A 45 -27.73 24.44 12.22
C THR A 45 -27.05 23.12 11.89
N LEU A 46 -26.11 23.15 10.95
CA LEU A 46 -25.40 21.95 10.53
C LEU A 46 -24.11 21.70 11.30
N ALA A 47 -23.79 22.62 12.21
CA ALA A 47 -22.59 22.49 13.02
C ALA A 47 -22.63 21.14 13.72
N PRO A 48 -21.61 20.31 13.49
CA PRO A 48 -21.49 18.98 14.08
C PRO A 48 -21.29 18.99 15.59
N ALA A 49 -22.02 18.10 16.26
CA ALA A 49 -21.94 17.96 17.71
C ALA A 49 -21.19 16.66 18.03
N THR A 50 -20.63 16.58 19.23
CA THR A 50 -19.89 15.40 19.64
C THR A 50 -20.81 14.18 19.55
N ASN A 51 -20.43 13.23 18.69
CA ASN A 51 -21.17 11.99 18.45
C ASN A 51 -22.52 12.27 17.78
N ASP A 52 -22.52 13.24 16.87
CA ASP A 52 -23.71 13.67 16.12
C ASP A 52 -24.23 12.51 15.27
N PRO A 53 -25.52 12.19 15.40
CA PRO A 53 -26.14 11.11 14.63
C PRO A 53 -26.28 11.42 13.13
N ARG A 54 -26.11 12.68 12.77
CA ARG A 54 -26.23 13.10 11.37
C ARG A 54 -24.93 12.87 10.60
N TYR A 55 -23.83 12.92 11.33
CA TYR A 55 -22.52 12.76 10.73
C TYR A 55 -21.85 11.42 11.02
N LEU A 56 -21.23 10.87 9.99
CA LEU A 56 -20.51 9.61 10.07
C LEU A 56 -19.44 9.71 11.15
N GLN A 57 -19.45 8.74 12.08
CA GLN A 57 -18.49 8.70 13.19
C GLN A 57 -17.26 7.86 12.90
N ALA A 58 -16.22 8.00 13.71
CA ALA A 58 -14.99 7.24 13.53
C ALA A 58 -15.07 5.89 14.25
N CYS A 59 -14.94 4.80 13.50
CA CYS A 59 -15.01 3.47 14.08
C CYS A 59 -13.70 2.68 13.86
N GLY A 60 -13.42 1.75 14.77
CA GLY A 60 -12.22 0.95 14.69
C GLY A 60 -11.02 1.58 15.37
N GLY A 61 -11.23 2.81 15.87
CA GLY A 61 -10.16 3.52 16.56
C GLY A 61 -9.31 4.31 15.58
N GLU A 62 -9.47 3.99 14.29
CA GLU A 62 -8.72 4.66 13.25
C GLU A 62 -9.20 6.09 13.03
N LYS A 63 -8.36 6.92 12.42
CA LYS A 63 -8.72 8.30 12.16
C LYS A 63 -9.51 8.41 10.86
N LEU A 64 -10.70 8.99 10.95
CA LEU A 64 -11.58 9.15 9.79
C LEU A 64 -11.48 10.52 9.16
N ASN A 65 -11.77 11.55 9.95
CA ASN A 65 -11.74 12.92 9.47
C ASN A 65 -10.34 13.53 9.51
N ARG A 66 -9.97 14.20 8.44
CA ARG A 66 -8.67 14.85 8.34
C ARG A 66 -8.65 16.05 9.28
N PHE A 67 -9.84 16.63 9.48
CA PHE A 67 -10.01 17.79 10.37
C PHE A 67 -11.16 17.52 11.32
N ARG A 68 -10.98 17.87 12.58
CA ARG A 68 -11.99 17.66 13.61
C ARG A 68 -13.33 18.33 13.27
N ASP A 69 -13.25 19.56 12.78
CA ASP A 69 -14.40 20.37 12.42
C ASP A 69 -15.02 20.14 11.03
N ILE A 70 -14.32 19.45 10.14
CA ILE A 70 -14.83 19.18 8.80
C ILE A 70 -15.35 17.75 8.72
N GLN A 71 -16.55 17.53 9.24
CA GLN A 71 -17.17 16.21 9.24
C GLN A 71 -17.86 15.80 7.93
N CYS A 72 -18.22 14.52 7.88
CA CYS A 72 -18.87 13.94 6.71
C CYS A 72 -20.29 13.51 7.06
N ARG A 73 -21.26 13.93 6.25
CA ARG A 73 -22.65 13.58 6.50
C ARG A 73 -22.83 12.07 6.53
N ARG A 74 -23.83 11.61 7.29
CA ARG A 74 -24.12 10.18 7.42
C ARG A 74 -24.84 9.61 6.21
N GLN A 75 -26.11 10.00 6.04
CA GLN A 75 -26.93 9.52 4.94
C GLN A 75 -26.55 10.05 3.55
N THR A 76 -25.27 9.98 3.21
CA THR A 76 -24.76 10.43 1.91
C THR A 76 -23.34 9.95 1.73
N ALA A 77 -22.75 9.45 2.81
CA ALA A 77 -21.38 8.95 2.74
C ALA A 77 -21.29 7.81 1.74
N VAL A 78 -20.24 7.80 0.93
CA VAL A 78 -20.04 6.77 -0.07
C VAL A 78 -19.77 5.44 0.63
N ARG A 79 -18.71 5.40 1.42
CA ARG A 79 -18.37 4.21 2.17
C ARG A 79 -18.07 4.55 3.61
N ALA A 80 -18.40 3.60 4.48
CA ALA A 80 -18.27 3.70 5.93
C ALA A 80 -16.94 4.13 6.51
N ASP A 81 -15.85 3.91 5.77
CA ASP A 81 -14.53 4.26 6.26
C ASP A 81 -13.87 5.47 5.63
N LEU A 82 -14.58 6.15 4.72
CA LEU A 82 -14.04 7.34 4.07
C LEU A 82 -14.91 8.56 4.32
N ASN A 83 -14.29 9.72 4.19
CA ASN A 83 -14.98 10.99 4.38
C ASN A 83 -15.32 11.49 2.96
N ALA A 84 -16.41 10.95 2.40
CA ALA A 84 -16.86 11.32 1.07
C ALA A 84 -18.37 11.35 1.05
N ASN A 85 -18.94 12.14 0.14
CA ASN A 85 -20.39 12.24 0.04
C ASN A 85 -20.93 12.23 -1.37
N TYR A 86 -22.12 11.65 -1.51
CA TYR A 86 -22.86 11.58 -2.77
C TYR A 86 -23.69 12.87 -2.87
N ILE A 87 -23.10 13.92 -3.40
CA ILE A 87 -23.81 15.16 -3.52
C ILE A 87 -24.50 15.31 -4.87
N GLN A 88 -25.72 15.86 -4.85
CA GLN A 88 -26.44 16.10 -6.09
C GLN A 88 -27.17 17.43 -6.07
N VAL A 89 -26.60 18.42 -6.74
CA VAL A 89 -27.21 19.73 -6.81
C VAL A 89 -28.07 19.78 -8.06
N GLY A 90 -29.39 19.88 -7.87
CA GLY A 90 -30.29 19.92 -9.01
C GLY A 90 -30.23 18.63 -9.80
N ASN A 91 -29.66 18.70 -11.00
CA ASN A 91 -29.53 17.54 -11.88
C ASN A 91 -28.08 17.03 -11.96
N THR A 92 -27.15 17.77 -11.35
CA THR A 92 -25.73 17.42 -11.33
C THR A 92 -25.36 16.45 -10.20
N ARG A 93 -24.90 15.27 -10.55
CA ARG A 93 -24.53 14.26 -9.58
C ARG A 93 -23.00 14.06 -9.50
N THR A 94 -22.39 14.43 -8.39
CA THR A 94 -20.96 14.27 -8.25
C THR A 94 -20.66 13.69 -6.87
N ILE A 95 -19.37 13.60 -6.54
CA ILE A 95 -18.93 13.08 -5.25
C ILE A 95 -17.81 13.97 -4.71
N ALA A 96 -17.96 14.48 -3.51
CA ALA A 96 -16.91 15.32 -2.95
C ALA A 96 -16.33 14.57 -1.75
N CYS A 97 -15.01 14.67 -1.55
CA CYS A 97 -14.36 14.01 -0.41
C CYS A 97 -13.19 14.83 0.08
N GLN A 98 -12.51 14.33 1.11
CA GLN A 98 -11.36 15.02 1.67
C GLN A 98 -10.14 14.35 1.07
N TYR A 99 -8.97 14.97 1.21
CA TYR A 99 -7.76 14.36 0.67
C TYR A 99 -7.55 13.13 1.52
N PRO A 100 -7.60 11.95 0.90
CA PRO A 100 -7.40 10.69 1.62
C PRO A 100 -6.14 10.59 2.47
N LEU A 101 -6.28 10.04 3.68
CA LEU A 101 -5.16 9.84 4.59
C LEU A 101 -4.50 8.57 4.07
N GLN A 102 -3.22 8.35 4.36
CA GLN A 102 -2.53 7.14 3.87
C GLN A 102 -3.28 5.87 4.28
N SER A 103 -3.90 5.92 5.45
CA SER A 103 -4.62 4.79 6.01
C SER A 103 -5.95 4.57 5.30
N GLN A 104 -6.21 5.35 4.26
CA GLN A 104 -7.47 5.23 3.52
C GLN A 104 -7.22 5.01 2.03
N LEU A 105 -6.01 5.29 1.57
CA LEU A 105 -5.67 5.14 0.16
C LEU A 105 -6.15 3.82 -0.42
N GLU A 106 -5.99 2.71 0.29
CA GLU A 106 -6.44 1.45 -0.27
C GLU A 106 -7.94 1.49 -0.53
N SER A 107 -8.70 1.99 0.43
CA SER A 107 -10.14 2.09 0.29
C SER A 107 -10.53 3.15 -0.74
N HIS A 108 -9.79 4.26 -0.74
CA HIS A 108 -10.03 5.37 -1.65
C HIS A 108 -10.01 4.87 -3.09
N PHE A 109 -9.02 4.05 -3.42
CA PHE A 109 -8.92 3.52 -4.77
C PHE A 109 -10.10 2.62 -5.15
N ARG A 110 -10.54 1.77 -4.23
CA ARG A 110 -11.67 0.87 -4.53
C ARG A 110 -12.93 1.64 -4.82
N MET A 111 -13.03 2.86 -4.31
CA MET A 111 -14.22 3.65 -4.57
C MET A 111 -14.20 4.17 -5.99
N LEU A 112 -13.05 4.67 -6.43
CA LEU A 112 -12.88 5.20 -7.78
C LEU A 112 -13.13 4.12 -8.83
N ALA A 113 -12.80 2.88 -8.49
CA ALA A 113 -12.99 1.79 -9.41
C ALA A 113 -14.47 1.37 -9.45
N GLU A 114 -15.08 1.12 -8.29
CA GLU A 114 -16.47 0.72 -8.22
C GLU A 114 -17.40 1.77 -8.81
N ASN A 115 -16.94 3.01 -8.78
CA ASN A 115 -17.67 4.17 -9.28
C ASN A 115 -17.52 4.36 -10.79
N ARG A 116 -16.55 3.68 -11.40
CA ARG A 116 -16.31 3.83 -12.82
C ARG A 116 -16.10 5.31 -13.05
N THR A 117 -15.22 5.92 -12.25
CA THR A 117 -14.95 7.35 -12.30
C THR A 117 -14.53 7.92 -13.67
N PRO A 118 -15.39 8.77 -14.26
CA PRO A 118 -15.12 9.40 -15.56
C PRO A 118 -14.12 10.55 -15.47
N VAL A 119 -13.99 11.13 -14.27
CA VAL A 119 -13.05 12.22 -14.04
C VAL A 119 -12.80 12.45 -12.56
N LEU A 120 -11.53 12.54 -12.19
CA LEU A 120 -11.12 12.80 -10.81
C LEU A 120 -10.45 14.15 -10.83
N ALA A 121 -10.96 15.09 -10.02
CA ALA A 121 -10.39 16.43 -9.97
C ALA A 121 -9.75 16.71 -8.61
N VAL A 122 -8.47 17.07 -8.63
CA VAL A 122 -7.75 17.38 -7.40
C VAL A 122 -7.43 18.86 -7.44
N LEU A 123 -7.88 19.59 -6.42
CA LEU A 123 -7.65 21.03 -6.36
C LEU A 123 -6.61 21.38 -5.28
N ALA A 124 -5.84 20.40 -4.85
CA ALA A 124 -4.80 20.61 -3.83
C ALA A 124 -3.50 21.10 -4.48
N SER A 125 -2.94 22.20 -3.98
CA SER A 125 -1.70 22.74 -4.54
C SER A 125 -0.51 21.76 -4.47
N SER A 126 0.41 21.87 -5.41
CA SER A 126 1.57 20.99 -5.42
C SER A 126 2.36 21.18 -4.14
N SER A 127 2.39 22.43 -3.69
CA SER A 127 3.10 22.81 -2.48
C SER A 127 2.53 22.06 -1.29
N GLU A 128 1.21 21.91 -1.26
CA GLU A 128 0.54 21.21 -0.18
C GLU A 128 0.88 19.74 -0.17
N ILE A 129 0.76 19.10 -1.31
CA ILE A 129 1.05 17.70 -1.39
C ILE A 129 2.51 17.48 -1.02
N ALA A 130 3.31 18.52 -1.24
CA ALA A 130 4.74 18.50 -0.98
C ALA A 130 5.09 18.53 0.51
N ASN A 131 4.55 19.52 1.23
CA ASN A 131 4.76 19.67 2.66
C ASN A 131 4.46 18.35 3.35
N GLN A 132 5.49 17.74 3.92
CA GLN A 132 5.36 16.46 4.58
C GLN A 132 4.51 16.44 5.85
N ARG A 133 4.24 17.61 6.40
CA ARG A 133 3.45 17.73 7.64
C ARG A 133 1.96 17.57 7.38
N PHE A 134 1.52 18.08 6.23
CA PHE A 134 0.13 18.05 5.83
C PHE A 134 -0.42 16.65 5.61
N GLY A 135 0.46 15.66 5.56
CA GLY A 135 0.02 14.28 5.37
C GLY A 135 -0.86 14.01 4.17
N MET A 136 -0.53 14.63 3.05
CA MET A 136 -1.28 14.46 1.79
C MET A 136 -0.49 13.61 0.79
N PRO A 137 -0.73 12.28 0.76
CA PRO A 137 -0.09 11.30 -0.11
C PRO A 137 -0.19 11.69 -1.58
N ASP A 138 0.93 11.59 -2.28
CA ASP A 138 0.97 11.88 -3.71
C ASP A 138 0.61 10.53 -4.37
N TYR A 139 -0.68 10.21 -4.37
CA TYR A 139 -1.15 8.94 -4.92
C TYR A 139 -1.51 8.92 -6.39
N PHE A 140 -1.45 10.06 -7.08
CA PHE A 140 -1.83 10.05 -8.49
C PHE A 140 -0.77 10.50 -9.48
N ARG A 141 0.31 11.11 -8.99
CA ARG A 141 1.37 11.55 -9.90
C ARG A 141 2.45 10.49 -10.08
N GLN A 142 2.45 9.49 -9.20
CA GLN A 142 3.44 8.40 -9.27
C GLN A 142 2.74 7.06 -9.12
N SER A 143 3.39 5.98 -9.55
CA SER A 143 2.80 4.65 -9.44
C SER A 143 3.06 4.05 -8.06
N GLY A 144 2.41 2.93 -7.76
CA GLY A 144 2.63 2.31 -6.46
C GLY A 144 1.76 1.11 -6.13
N THR A 145 1.98 0.54 -4.95
CA THR A 145 1.19 -0.59 -4.52
C THR A 145 0.60 -0.28 -3.14
N TYR A 146 -0.71 -0.39 -3.03
CA TYR A 146 -1.40 -0.10 -1.78
C TYR A 146 -2.24 -1.31 -1.39
N GLY A 147 -1.71 -2.15 -0.51
CA GLY A 147 -2.45 -3.33 -0.11
C GLY A 147 -2.52 -4.30 -1.26
N SER A 148 -3.73 -4.65 -1.69
CA SER A 148 -3.90 -5.58 -2.81
C SER A 148 -4.15 -4.87 -4.14
N ILE A 149 -4.20 -3.54 -4.08
CA ILE A 149 -4.42 -2.73 -5.28
C ILE A 149 -3.07 -2.33 -5.86
N THR A 150 -3.01 -2.27 -7.19
CA THR A 150 -1.79 -1.91 -7.91
C THR A 150 -2.11 -0.77 -8.89
N VAL A 151 -1.89 0.47 -8.48
CA VAL A 151 -2.16 1.61 -9.34
C VAL A 151 -1.00 1.96 -10.27
N GLU A 152 -1.27 2.80 -11.26
CA GLU A 152 -0.24 3.22 -12.20
C GLU A 152 -0.59 4.57 -12.80
N SER A 153 0.26 5.57 -12.53
CA SER A 153 0.03 6.90 -13.04
C SER A 153 0.76 7.15 -14.35
N LYS A 154 0.16 8.00 -15.18
CA LYS A 154 0.74 8.32 -16.46
C LYS A 154 0.36 9.74 -16.85
N MET A 155 1.37 10.56 -17.13
CA MET A 155 1.13 11.94 -17.52
C MET A 155 0.67 12.08 -18.97
N THR A 156 -0.27 12.98 -19.20
CA THR A 156 -0.80 13.22 -20.53
C THR A 156 -0.72 14.68 -20.92
N GLN A 157 -1.89 15.30 -21.02
CA GLN A 157 -2.01 16.70 -21.42
C GLN A 157 -1.71 17.67 -20.31
N GLN A 158 -1.71 18.95 -20.67
CA GLN A 158 -1.48 20.03 -19.75
C GLN A 158 -2.17 21.27 -20.32
N VAL A 159 -3.31 21.64 -19.74
CA VAL A 159 -4.09 22.79 -20.22
C VAL A 159 -4.12 24.01 -19.30
N GLY A 160 -3.81 25.17 -19.87
CA GLY A 160 -3.82 26.40 -19.12
C GLY A 160 -5.26 26.87 -19.00
N LEU A 161 -5.58 27.55 -17.90
CA LEU A 161 -6.92 28.04 -17.63
C LEU A 161 -6.96 29.55 -17.45
N GLY A 162 -5.89 30.22 -17.86
CA GLY A 162 -5.84 31.66 -17.71
C GLY A 162 -5.30 32.09 -16.36
N ASP A 163 -4.93 33.36 -16.22
CA ASP A 163 -4.40 33.87 -14.96
C ASP A 163 -3.19 33.08 -14.48
N GLY A 164 -2.60 32.31 -15.37
CA GLY A 164 -1.43 31.52 -15.02
C GLY A 164 -1.75 30.18 -14.40
N ILE A 165 -3.01 29.99 -14.00
CA ILE A 165 -3.42 28.73 -13.38
C ILE A 165 -3.36 27.64 -14.44
N MET A 166 -2.79 26.49 -14.08
CA MET A 166 -2.67 25.38 -15.00
C MET A 166 -3.11 24.06 -14.45
N ALA A 167 -3.56 23.19 -15.34
CA ALA A 167 -4.03 21.87 -14.95
C ALA A 167 -3.18 20.80 -15.61
N ASP A 168 -2.68 19.86 -14.83
CA ASP A 168 -1.88 18.80 -15.40
C ASP A 168 -2.77 17.56 -15.40
N MET A 169 -2.75 16.81 -16.48
CA MET A 169 -3.56 15.61 -16.50
C MET A 169 -2.76 14.30 -16.44
N TYR A 170 -3.33 13.35 -15.71
CA TYR A 170 -2.77 12.02 -15.53
C TYR A 170 -3.89 10.99 -15.79
N THR A 171 -3.48 9.73 -15.90
CA THR A 171 -4.36 8.59 -16.13
C THR A 171 -3.96 7.46 -15.21
N LEU A 172 -4.72 7.31 -14.13
CA LEU A 172 -4.50 6.26 -13.14
C LEU A 172 -5.06 4.96 -13.66
N THR A 173 -4.56 3.85 -13.16
CA THR A 173 -5.02 2.55 -13.61
C THR A 173 -5.07 1.64 -12.39
N ILE A 174 -6.24 1.58 -11.75
CA ILE A 174 -6.43 0.78 -10.56
C ILE A 174 -6.64 -0.69 -10.90
N ARG A 175 -5.64 -1.52 -10.59
CA ARG A 175 -5.70 -2.94 -10.90
C ARG A 175 -5.66 -3.81 -9.64
N GLU A 176 -6.71 -4.61 -9.43
CA GLU A 176 -6.76 -5.46 -8.25
C GLU A 176 -7.21 -6.85 -8.66
N ALA A 177 -6.50 -7.87 -8.20
CA ALA A 177 -6.83 -9.25 -8.53
C ALA A 177 -8.26 -9.61 -8.20
N GLY A 178 -8.97 -10.16 -9.18
CA GLY A 178 -10.35 -10.54 -8.98
C GLY A 178 -11.32 -9.41 -9.23
N GLN A 179 -10.81 -8.31 -9.77
CA GLN A 179 -11.61 -7.13 -10.07
C GLN A 179 -11.27 -6.55 -11.45
N LYS A 180 -12.20 -5.80 -12.01
CA LYS A 180 -12.01 -5.17 -13.32
C LYS A 180 -10.93 -4.11 -13.21
N THR A 181 -10.18 -3.92 -14.29
CA THR A 181 -9.12 -2.90 -14.31
C THR A 181 -9.77 -1.60 -14.77
N ILE A 182 -9.66 -0.54 -13.96
CA ILE A 182 -10.27 0.74 -14.27
C ILE A 182 -9.24 1.86 -14.53
N SER A 183 -9.42 2.59 -15.63
CA SER A 183 -8.56 3.72 -15.96
C SER A 183 -9.31 4.93 -15.44
N VAL A 184 -8.60 5.87 -14.85
CA VAL A 184 -9.23 7.05 -14.31
C VAL A 184 -8.53 8.34 -14.75
N PRO A 185 -9.24 9.22 -15.48
CA PRO A 185 -8.70 10.51 -15.97
C PRO A 185 -8.52 11.48 -14.82
N VAL A 186 -7.32 12.05 -14.65
CA VAL A 186 -7.10 12.98 -13.53
C VAL A 186 -6.76 14.42 -13.93
N VAL A 187 -7.47 15.37 -13.36
CA VAL A 187 -7.19 16.76 -13.65
C VAL A 187 -6.64 17.33 -12.34
N HIS A 188 -5.40 17.77 -12.38
CA HIS A 188 -4.76 18.29 -11.20
C HIS A 188 -4.40 19.75 -11.37
N VAL A 189 -4.99 20.60 -10.53
CA VAL A 189 -4.70 22.04 -10.57
C VAL A 189 -3.77 22.32 -9.40
N GLY A 190 -2.50 22.56 -9.69
CA GLY A 190 -1.53 22.80 -8.64
C GLY A 190 -1.17 24.20 -8.20
N ASN A 191 -1.79 25.23 -8.78
CA ASN A 191 -1.48 26.61 -8.40
C ASN A 191 -2.60 27.31 -7.65
N TRP A 192 -3.64 26.58 -7.27
CA TRP A 192 -4.73 27.20 -6.57
C TRP A 192 -4.38 27.18 -5.08
N PRO A 193 -3.97 28.32 -4.50
CA PRO A 193 -3.59 28.41 -3.09
C PRO A 193 -4.68 27.88 -2.16
N ASP A 194 -4.39 27.85 -0.87
CA ASP A 194 -5.34 27.37 0.12
C ASP A 194 -6.17 28.55 0.59
N GLN A 195 -7.44 28.31 0.92
CA GLN A 195 -8.31 29.36 1.41
C GLN A 195 -8.47 30.49 0.39
N THR A 196 -8.11 30.25 -0.87
CA THR A 196 -8.24 31.27 -1.92
C THR A 196 -9.39 30.97 -2.87
N ALA A 197 -9.48 31.75 -3.95
CA ALA A 197 -10.52 31.57 -4.96
C ALA A 197 -10.09 32.17 -6.29
N VAL A 198 -9.91 31.34 -7.30
CA VAL A 198 -9.51 31.87 -8.61
C VAL A 198 -10.68 32.63 -9.24
N SER A 199 -10.35 33.58 -10.13
CA SER A 199 -11.38 34.38 -10.79
C SER A 199 -12.44 33.52 -11.43
N SER A 200 -13.59 34.12 -11.73
CA SER A 200 -14.67 33.39 -12.36
C SER A 200 -14.21 32.83 -13.71
N GLU A 201 -13.35 33.58 -14.40
CA GLU A 201 -12.84 33.15 -15.70
C GLU A 201 -12.22 31.78 -15.58
N VAL A 202 -11.19 31.70 -14.74
CA VAL A 202 -10.49 30.46 -14.52
C VAL A 202 -11.48 29.36 -14.13
N THR A 203 -12.26 29.63 -13.08
CA THR A 203 -13.25 28.71 -12.55
C THR A 203 -14.15 28.12 -13.65
N LYS A 204 -14.66 29.00 -14.49
CA LYS A 204 -15.54 28.60 -15.59
C LYS A 204 -14.81 27.67 -16.55
N ALA A 205 -13.61 28.08 -16.94
CA ALA A 205 -12.77 27.32 -17.86
C ALA A 205 -12.45 25.97 -17.26
N LEU A 206 -12.28 25.97 -15.94
CA LEU A 206 -11.96 24.76 -15.19
C LEU A 206 -13.17 23.80 -15.21
N ALA A 207 -14.36 24.31 -14.89
CA ALA A 207 -15.55 23.47 -14.89
C ALA A 207 -15.82 22.85 -16.25
N SER A 208 -15.52 23.60 -17.30
CA SER A 208 -15.74 23.12 -18.66
C SER A 208 -14.81 21.99 -19.08
N LEU A 209 -13.59 21.99 -18.54
CA LEU A 209 -12.60 20.96 -18.83
C LEU A 209 -12.95 19.66 -18.14
N VAL A 210 -13.42 19.76 -16.90
CA VAL A 210 -13.81 18.58 -16.15
C VAL A 210 -15.00 17.92 -16.85
N ASP A 211 -15.98 18.72 -17.25
CA ASP A 211 -17.15 18.19 -17.97
C ASP A 211 -16.80 17.48 -19.29
N GLN A 212 -15.88 18.06 -20.07
CA GLN A 212 -15.48 17.46 -21.34
C GLN A 212 -14.63 16.22 -21.10
N THR A 213 -14.07 16.10 -19.90
CA THR A 213 -13.25 14.97 -19.57
C THR A 213 -14.13 13.79 -19.19
N ALA A 214 -15.07 14.03 -18.29
CA ALA A 214 -15.97 12.97 -17.84
C ALA A 214 -16.89 12.54 -18.98
N GLU A 215 -17.25 13.49 -19.84
CA GLU A 215 -18.13 13.19 -20.95
C GLU A 215 -17.51 12.22 -21.95
N THR A 216 -16.22 12.41 -22.23
CA THR A 216 -15.47 11.54 -23.15
C THR A 216 -15.34 10.14 -22.57
N LYS A 217 -15.07 10.06 -21.26
CA LYS A 217 -14.90 8.79 -20.56
C LYS A 217 -16.20 8.03 -20.37
N ARG A 218 -17.24 8.75 -19.98
CA ARG A 218 -18.55 8.15 -19.78
C ARG A 218 -19.05 7.56 -21.11
N ASN A 219 -18.64 8.16 -22.23
CA ASN A 219 -19.07 7.68 -23.55
C ASN A 219 -18.49 6.31 -23.82
N MET A 220 -17.21 6.18 -23.49
CA MET A 220 -16.47 4.95 -23.67
C MET A 220 -17.12 3.83 -22.87
N TYR A 221 -17.65 4.17 -21.70
CA TYR A 221 -18.31 3.18 -20.87
C TYR A 221 -19.62 2.74 -21.49
N GLU A 222 -20.38 3.68 -22.04
CA GLU A 222 -21.67 3.39 -22.69
C GLU A 222 -21.46 2.52 -23.92
N SER A 223 -20.42 2.88 -24.66
CA SER A 223 -20.02 2.16 -25.88
C SER A 223 -19.72 0.70 -25.57
N LYS A 224 -19.11 0.44 -24.43
CA LYS A 224 -18.76 -0.92 -24.01
C LYS A 224 -19.85 -1.67 -23.28
N GLY A 225 -21.01 -1.03 -23.13
CA GLY A 225 -22.13 -1.67 -22.45
C GLY A 225 -22.04 -1.91 -20.96
N SER A 226 -21.26 -1.08 -20.24
CA SER A 226 -21.15 -1.27 -18.80
C SER A 226 -22.52 -1.03 -18.14
N SER A 227 -22.75 -1.67 -17.00
CA SER A 227 -24.01 -1.53 -16.31
C SER A 227 -23.96 -0.38 -15.32
N ALA A 228 -22.92 0.44 -15.42
CA ALA A 228 -22.82 1.57 -14.53
C ALA A 228 -23.66 2.71 -15.09
N VAL A 229 -24.06 2.60 -16.35
CA VAL A 229 -24.87 3.64 -16.99
C VAL A 229 -26.32 3.56 -16.52
N ALA A 230 -26.64 2.52 -15.75
CA ALA A 230 -27.99 2.30 -15.23
C ALA A 230 -28.08 2.53 -13.72
N ASP A 231 -26.98 2.99 -13.13
CA ASP A 231 -26.92 3.23 -11.70
C ASP A 231 -26.60 4.68 -11.42
N ASP A 232 -27.48 5.36 -10.69
CA ASP A 232 -27.28 6.77 -10.37
C ASP A 232 -26.21 7.00 -9.33
N SER A 233 -25.67 5.92 -8.78
CA SER A 233 -24.62 6.05 -7.78
C SER A 233 -23.23 5.83 -8.39
N LYS A 234 -23.18 5.63 -9.71
CA LYS A 234 -21.91 5.40 -10.39
C LYS A 234 -21.68 6.43 -11.52
N LEU A 235 -20.47 6.50 -12.05
CA LEU A 235 -20.14 7.44 -13.11
C LEU A 235 -20.20 8.88 -12.62
N ARG A 236 -20.08 9.09 -11.32
CA ARG A 236 -20.12 10.44 -10.76
C ARG A 236 -18.72 11.02 -10.61
N PRO A 237 -18.46 12.18 -11.23
CA PRO A 237 -17.15 12.83 -11.14
C PRO A 237 -16.76 12.96 -9.69
N VAL A 238 -15.54 12.55 -9.35
CA VAL A 238 -15.09 12.67 -7.98
C VAL A 238 -14.17 13.86 -7.89
N ILE A 239 -14.44 14.75 -6.94
CA ILE A 239 -13.65 15.95 -6.75
C ILE A 239 -13.25 16.06 -5.29
N HIS A 240 -12.05 16.56 -5.04
CA HIS A 240 -11.56 16.79 -3.67
C HIS A 240 -10.37 17.75 -3.69
N SER A 241 -10.31 18.60 -2.67
CA SER A 241 -9.22 19.57 -2.53
C SER A 241 -8.39 19.03 -1.37
N ARG A 242 -8.41 19.73 -0.24
CA ARG A 242 -7.68 19.25 0.93
C ARG A 242 -8.74 18.81 1.96
N ALA A 243 -9.58 19.74 2.38
CA ALA A 243 -10.64 19.43 3.34
C ALA A 243 -11.87 19.02 2.56
N GLY A 244 -11.95 19.51 1.33
CA GLY A 244 -13.07 19.20 0.45
C GLY A 244 -14.34 20.01 0.71
N VAL A 245 -14.20 21.25 1.12
CA VAL A 245 -15.34 22.09 1.42
C VAL A 245 -15.24 23.50 0.83
N GLY A 246 -14.01 23.95 0.57
CA GLY A 246 -13.80 25.26 -0.01
C GLY A 246 -13.64 25.27 -1.53
N ARG A 247 -12.43 24.94 -1.99
CA ARG A 247 -12.13 24.90 -3.43
C ARG A 247 -12.97 23.84 -4.16
N THR A 248 -13.35 22.80 -3.44
CA THR A 248 -14.14 21.73 -3.99
C THR A 248 -15.53 22.26 -4.26
N ALA A 249 -16.05 23.04 -3.32
CA ALA A 249 -17.39 23.62 -3.46
C ALA A 249 -17.50 24.58 -4.65
N GLN A 250 -16.57 25.54 -4.75
CA GLN A 250 -16.56 26.51 -5.85
C GLN A 250 -16.58 25.84 -7.23
N LEU A 251 -15.78 24.79 -7.39
CA LEU A 251 -15.77 24.07 -8.66
C LEU A 251 -17.10 23.38 -8.89
N ILE A 252 -17.61 22.69 -7.88
CA ILE A 252 -18.89 22.00 -8.01
C ILE A 252 -20.02 22.98 -8.34
N GLY A 253 -20.03 24.15 -7.69
CA GLY A 253 -21.05 25.14 -7.96
C GLY A 253 -20.98 25.59 -9.40
N ALA A 254 -19.78 25.62 -9.97
CA ALA A 254 -19.60 26.03 -11.35
C ALA A 254 -20.05 24.93 -12.30
N MET A 255 -19.82 23.68 -11.94
CA MET A 255 -20.20 22.56 -12.80
C MET A 255 -21.70 22.52 -12.92
N CYS A 256 -22.34 22.79 -11.79
CA CYS A 256 -23.78 22.80 -11.66
C CYS A 256 -24.41 23.76 -12.68
N MET A 257 -23.84 24.96 -12.75
CA MET A 257 -24.27 26.02 -13.64
C MET A 257 -23.85 25.75 -15.09
N ASN A 258 -22.87 24.87 -15.26
CA ASN A 258 -22.37 24.53 -16.59
C ASN A 258 -23.33 23.54 -17.25
N ASP A 259 -24.36 23.13 -16.50
CA ASP A 259 -25.36 22.19 -16.97
C ASP A 259 -26.57 22.95 -17.51
N SER A 260 -27.09 22.49 -18.66
CA SER A 260 -28.24 23.15 -19.28
C SER A 260 -29.58 22.67 -18.72
N ARG A 261 -29.52 21.70 -17.81
CA ARG A 261 -30.73 21.17 -17.20
C ARG A 261 -31.05 21.85 -15.87
N ASN A 262 -30.07 22.56 -15.31
CA ASN A 262 -30.25 23.23 -14.02
C ASN A 262 -30.62 24.71 -14.20
N SER A 263 -31.64 24.97 -15.01
CA SER A 263 -32.11 26.32 -15.26
C SER A 263 -33.04 26.72 -14.12
N GLN A 264 -32.86 27.93 -13.61
CA GLN A 264 -33.68 28.44 -12.51
C GLN A 264 -33.21 28.04 -11.12
N LEU A 265 -32.25 27.12 -11.05
CA LEU A 265 -31.71 26.69 -9.76
C LEU A 265 -30.96 27.91 -9.22
N SER A 266 -31.35 28.40 -8.05
CA SER A 266 -30.70 29.58 -7.50
C SER A 266 -29.43 29.27 -6.72
N VAL A 267 -28.70 30.33 -6.36
CA VAL A 267 -27.47 30.18 -5.59
C VAL A 267 -27.82 29.60 -4.21
N GLU A 268 -28.95 30.03 -3.67
CA GLU A 268 -29.38 29.54 -2.37
C GLU A 268 -29.55 28.03 -2.41
N ASP A 269 -30.12 27.52 -3.50
CA ASP A 269 -30.33 26.08 -3.67
C ASP A 269 -29.02 25.36 -3.82
N MET A 270 -28.12 25.90 -4.65
CA MET A 270 -26.84 25.25 -4.86
C MET A 270 -26.10 25.02 -3.55
N VAL A 271 -25.87 26.09 -2.81
CA VAL A 271 -25.14 26.01 -1.55
C VAL A 271 -25.84 25.18 -0.47
N SER A 272 -27.11 25.43 -0.23
CA SER A 272 -27.86 24.69 0.78
C SER A 272 -27.79 23.19 0.52
N GLN A 273 -28.06 22.76 -0.71
CA GLN A 273 -28.02 21.34 -1.02
C GLN A 273 -26.63 20.74 -0.78
N MET A 274 -25.58 21.51 -1.02
CA MET A 274 -24.21 21.02 -0.81
C MET A 274 -23.95 20.82 0.67
N ARG A 275 -24.41 21.76 1.46
CA ARG A 275 -24.22 21.70 2.91
C ARG A 275 -25.02 20.61 3.58
N VAL A 276 -26.25 20.39 3.10
CA VAL A 276 -27.10 19.38 3.68
C VAL A 276 -26.73 17.97 3.23
N GLN A 277 -25.88 17.86 2.21
CA GLN A 277 -25.47 16.55 1.70
C GLN A 277 -24.01 16.22 2.07
N ARG A 278 -23.33 17.14 2.75
CA ARG A 278 -21.96 16.90 3.18
C ARG A 278 -21.75 17.52 4.57
N ASN A 279 -21.75 18.85 4.64
CA ASN A 279 -21.61 19.56 5.92
C ASN A 279 -21.71 21.07 5.67
N GLY A 280 -22.18 21.82 6.69
CA GLY A 280 -22.35 23.25 6.56
C GLY A 280 -21.12 24.10 6.32
N ILE A 281 -20.07 23.53 5.74
CA ILE A 281 -18.82 24.26 5.47
C ILE A 281 -18.58 24.53 3.98
N MET A 282 -19.28 23.77 3.13
CA MET A 282 -19.19 23.91 1.70
C MET A 282 -19.21 25.39 1.38
N VAL A 283 -18.26 25.81 0.55
CA VAL A 283 -18.10 27.22 0.17
C VAL A 283 -17.72 27.95 1.45
N GLN A 284 -16.54 27.61 1.94
CA GLN A 284 -15.98 28.15 3.17
C GLN A 284 -15.81 29.68 3.15
N LYS A 285 -14.86 30.16 2.36
CA LYS A 285 -14.54 31.59 2.27
C LYS A 285 -15.63 32.37 1.54
N ASP A 286 -15.60 33.69 1.66
CA ASP A 286 -16.60 34.49 0.96
C ASP A 286 -16.13 34.78 -0.45
N GLU A 287 -14.81 34.88 -0.62
CA GLU A 287 -14.26 35.15 -1.93
C GLU A 287 -14.62 34.02 -2.87
N GLN A 288 -15.07 32.89 -2.30
CA GLN A 288 -15.45 31.74 -3.12
C GLN A 288 -16.94 31.83 -3.46
N LEU A 289 -17.75 32.28 -2.51
CA LEU A 289 -19.17 32.41 -2.78
C LEU A 289 -19.36 33.46 -3.85
N ASP A 290 -18.60 34.54 -3.74
CA ASP A 290 -18.65 35.66 -4.69
C ASP A 290 -18.38 35.23 -6.13
N VAL A 291 -17.46 34.31 -6.30
CA VAL A 291 -17.15 33.82 -7.62
C VAL A 291 -18.42 33.15 -8.13
N LEU A 292 -19.17 32.51 -7.23
CA LEU A 292 -20.41 31.86 -7.62
C LEU A 292 -21.50 32.88 -7.90
N ILE A 293 -21.50 33.98 -7.14
CA ILE A 293 -22.48 35.02 -7.33
C ILE A 293 -22.25 35.72 -8.65
N LYS A 294 -20.99 35.99 -8.99
CA LYS A 294 -20.66 36.67 -10.23
C LYS A 294 -20.98 35.82 -11.45
N LEU A 295 -20.79 34.50 -11.33
CA LEU A 295 -21.09 33.61 -12.45
C LEU A 295 -22.59 33.53 -12.66
N ALA A 296 -23.32 33.50 -11.55
CA ALA A 296 -24.78 33.42 -11.55
C ALA A 296 -25.36 34.75 -12.03
N GLU A 297 -24.58 35.80 -11.85
CA GLU A 297 -24.99 37.13 -12.23
C GLU A 297 -24.89 37.33 -13.72
N GLY A 298 -24.02 36.56 -14.36
CA GLY A 298 -23.85 36.69 -15.80
C GLY A 298 -24.76 35.77 -16.58
N GLN A 299 -25.58 35.02 -15.87
CA GLN A 299 -26.48 34.10 -16.52
C GLN A 299 -27.94 34.46 -16.25
N GLY A 300 -28.15 35.47 -15.40
CA GLY A 300 -29.50 35.86 -15.07
C GLY A 300 -30.12 34.85 -14.12
N ARG A 301 -29.26 34.10 -13.43
CA ARG A 301 -29.64 33.08 -12.47
C ARG A 301 -29.95 33.77 -11.17
N PRO A 302 -31.07 33.40 -10.52
CA PRO A 302 -31.44 34.01 -9.24
C PRO A 302 -30.52 33.68 -8.05
N LEU A 303 -30.32 34.66 -7.16
CA LEU A 303 -29.50 34.46 -5.98
C LEU A 303 -30.32 33.88 -4.83
N LEU A 304 -31.50 34.45 -4.60
CA LEU A 304 -32.39 34.00 -3.53
C LEU A 304 -33.60 33.22 -4.03
N ASN A 305 -34.33 32.62 -3.09
CA ASN A 305 -35.53 31.84 -3.38
C ASN A 305 -36.83 32.59 -3.06
N SER A 306 -37.92 31.83 -3.01
CA SER A 306 -39.29 32.32 -2.76
C SER A 306 -39.54 33.64 -3.47
N VAL B 24 29.76 -46.45 15.68
CA VAL B 24 30.19 -47.66 14.92
C VAL B 24 30.47 -47.30 13.45
N SER B 25 29.46 -46.72 12.79
CA SER B 25 29.51 -46.28 11.39
C SER B 25 28.61 -45.04 11.30
N PRO B 26 29.11 -43.89 11.77
CA PRO B 26 28.43 -42.59 11.79
C PRO B 26 27.60 -42.18 10.58
N TYR B 27 28.13 -42.34 9.37
CA TYR B 27 27.39 -41.94 8.18
C TYR B 27 27.01 -43.12 7.28
N GLY B 28 26.91 -44.29 7.89
CA GLY B 28 26.54 -45.46 7.13
C GLY B 28 25.07 -45.41 6.84
N PRO B 29 24.49 -46.48 6.29
CA PRO B 29 23.06 -46.53 5.97
C PRO B 29 22.16 -46.63 7.21
N GLU B 30 22.48 -47.53 8.14
CA GLU B 30 21.67 -47.69 9.35
C GLU B 30 21.54 -46.36 10.05
N ALA B 31 22.66 -45.65 10.14
CA ALA B 31 22.69 -44.35 10.79
C ALA B 31 21.73 -43.39 10.11
N ARG B 32 21.67 -43.41 8.79
CA ARG B 32 20.77 -42.53 8.07
C ARG B 32 19.32 -42.93 8.29
N ALA B 33 19.05 -44.23 8.19
CA ALA B 33 17.70 -44.74 8.38
C ALA B 33 17.13 -44.26 9.71
N GLU B 34 17.94 -44.33 10.76
CA GLU B 34 17.55 -43.91 12.09
C GLU B 34 17.28 -42.41 12.15
N LEU B 35 18.12 -41.61 11.48
CA LEU B 35 17.98 -40.15 11.45
C LEU B 35 16.64 -39.71 10.87
N SER B 36 16.25 -40.32 9.77
CA SER B 36 14.98 -39.97 9.14
C SER B 36 13.81 -40.48 9.96
N SER B 37 14.06 -41.52 10.74
CA SER B 37 13.05 -42.11 11.61
C SER B 37 12.63 -41.09 12.65
N ARG B 38 13.61 -40.48 13.31
CA ARG B 38 13.33 -39.49 14.34
C ARG B 38 12.76 -38.21 13.73
N LEU B 39 13.28 -37.82 12.57
CA LEU B 39 12.83 -36.61 11.90
C LEU B 39 11.37 -36.67 11.48
N THR B 40 10.98 -37.82 10.93
CA THR B 40 9.61 -38.02 10.48
C THR B 40 8.67 -38.00 11.68
N THR B 41 9.08 -38.64 12.77
CA THR B 41 8.25 -38.66 13.95
C THR B 41 7.98 -37.23 14.41
N LEU B 42 8.97 -36.36 14.23
CA LEU B 42 8.86 -34.95 14.64
C LEU B 42 7.97 -34.15 13.67
N ARG B 43 8.02 -34.47 12.38
CA ARG B 43 7.21 -33.76 11.40
C ARG B 43 5.73 -33.98 11.72
N ASN B 44 5.38 -35.21 12.07
CA ASN B 44 3.99 -35.52 12.40
C ASN B 44 3.59 -34.82 13.68
N THR B 45 4.45 -34.86 14.68
CA THR B 45 4.15 -34.23 15.96
C THR B 45 3.93 -32.73 15.76
N LEU B 46 4.62 -32.14 14.80
CA LEU B 46 4.50 -30.71 14.54
C LEU B 46 3.44 -30.37 13.48
N ALA B 47 2.81 -31.41 12.93
CA ALA B 47 1.77 -31.21 11.93
C ALA B 47 0.71 -30.29 12.52
N PRO B 48 0.47 -29.16 11.85
CA PRO B 48 -0.51 -28.15 12.26
C PRO B 48 -1.95 -28.64 12.22
N ALA B 49 -2.71 -28.31 13.27
CA ALA B 49 -4.11 -28.69 13.37
C ALA B 49 -4.94 -27.43 13.15
N THR B 50 -6.20 -27.61 12.76
CA THR B 50 -7.10 -26.48 12.54
C THR B 50 -7.20 -25.65 13.81
N ASN B 51 -6.78 -24.39 13.72
CA ASN B 51 -6.77 -23.44 14.84
C ASN B 51 -5.79 -23.85 15.94
N ASP B 52 -4.65 -24.40 15.51
CA ASP B 52 -3.60 -24.88 16.39
C ASP B 52 -3.04 -23.72 17.21
N PRO B 53 -2.99 -23.88 18.54
CA PRO B 53 -2.48 -22.84 19.44
C PRO B 53 -0.97 -22.61 19.33
N ARG B 54 -0.28 -23.55 18.71
CA ARG B 54 1.17 -23.44 18.55
C ARG B 54 1.56 -22.57 17.36
N TYR B 55 0.67 -22.54 16.37
CA TYR B 55 0.92 -21.78 15.16
C TYR B 55 0.10 -20.50 15.04
N LEU B 56 0.77 -19.46 14.56
CA LEU B 56 0.17 -18.16 14.35
C LEU B 56 -1.03 -18.31 13.43
N GLN B 57 -2.18 -17.78 13.86
CA GLN B 57 -3.42 -17.85 13.09
C GLN B 57 -3.66 -16.62 12.22
N ALA B 58 -4.58 -16.71 11.27
CA ALA B 58 -4.90 -15.59 10.37
C ALA B 58 -5.96 -14.69 10.98
N CYS B 59 -5.61 -13.43 11.19
CA CYS B 59 -6.56 -12.48 11.78
C CYS B 59 -6.86 -11.30 10.83
N GLY B 60 -8.05 -10.73 10.98
CA GLY B 60 -8.46 -9.61 10.14
C GLY B 60 -9.14 -10.06 8.88
N GLY B 61 -9.20 -11.38 8.67
CA GLY B 61 -9.83 -11.92 7.48
C GLY B 61 -8.84 -11.99 6.32
N GLU B 62 -7.71 -11.31 6.47
CA GLU B 62 -6.68 -11.29 5.44
C GLU B 62 -5.95 -12.62 5.37
N LYS B 63 -5.30 -12.88 4.23
CA LYS B 63 -4.56 -14.12 4.04
C LYS B 63 -3.15 -13.99 4.64
N LEU B 64 -2.82 -14.90 5.53
CA LEU B 64 -1.53 -14.90 6.19
C LEU B 64 -0.54 -15.86 5.56
N ASN B 65 -0.90 -17.14 5.55
CA ASN B 65 -0.04 -18.17 4.98
C ASN B 65 -0.18 -18.29 3.46
N ARG B 66 0.95 -18.38 2.78
CA ARG B 66 0.97 -18.53 1.32
C ARG B 66 0.47 -19.91 0.96
N PHE B 67 0.69 -20.86 1.87
CA PHE B 67 0.25 -22.25 1.69
C PHE B 67 -0.47 -22.72 2.95
N ARG B 68 -1.59 -23.41 2.76
CA ARG B 68 -2.41 -23.90 3.86
C ARG B 68 -1.62 -24.78 4.84
N ASP B 69 -0.79 -25.65 4.28
CA ASP B 69 0.03 -26.60 5.03
C ASP B 69 1.38 -26.10 5.57
N ILE B 70 1.85 -24.96 5.10
CA ILE B 70 3.13 -24.40 5.56
C ILE B 70 2.87 -23.27 6.54
N GLN B 71 2.57 -23.64 7.77
CA GLN B 71 2.27 -22.65 8.82
C GLN B 71 3.50 -22.04 9.49
N CYS B 72 3.24 -21.00 10.29
CA CYS B 72 4.28 -20.27 11.00
C CYS B 72 4.12 -20.46 12.50
N ARG B 73 5.19 -20.82 13.17
CA ARG B 73 5.14 -21.04 14.61
C ARG B 73 4.69 -19.78 15.34
N ARG B 74 4.04 -19.94 16.49
CA ARG B 74 3.53 -18.82 17.30
C ARG B 74 4.64 -18.10 18.07
N GLN B 75 5.17 -18.79 19.09
CA GLN B 75 6.21 -18.21 19.92
C GLN B 75 7.58 -18.08 19.27
N THR B 76 7.62 -17.51 18.06
CA THR B 76 8.86 -17.29 17.33
C THR B 76 8.60 -16.36 16.18
N ALA B 77 7.33 -16.11 15.90
CA ALA B 77 6.95 -15.23 14.80
C ALA B 77 7.52 -13.83 15.04
N VAL B 78 8.05 -13.22 13.99
CA VAL B 78 8.64 -11.88 14.09
C VAL B 78 7.53 -10.89 14.37
N ARG B 79 6.56 -10.81 13.46
CA ARG B 79 5.44 -9.91 13.64
C ARG B 79 4.14 -10.64 13.36
N ALA B 80 3.11 -10.22 14.08
CA ALA B 80 1.77 -10.79 14.05
C ALA B 80 1.08 -10.96 12.70
N ASP B 81 1.48 -10.17 11.70
CA ASP B 81 0.86 -10.23 10.40
C ASP B 81 1.68 -10.88 9.28
N LEU B 82 2.87 -11.36 9.62
CA LEU B 82 3.74 -12.03 8.64
C LEU B 82 4.05 -13.46 9.03
N ASN B 83 4.42 -14.25 8.04
CA ASN B 83 4.76 -15.65 8.24
C ASN B 83 6.31 -15.67 8.27
N ALA B 84 6.88 -15.37 9.42
CA ALA B 84 8.32 -15.35 9.59
C ALA B 84 8.65 -15.84 10.99
N ASN B 85 9.86 -16.38 11.17
CA ASN B 85 10.26 -16.87 12.46
C ASN B 85 11.68 -16.52 12.86
N TYR B 86 11.87 -16.34 14.16
CA TYR B 86 13.18 -16.05 14.76
C TYR B 86 13.82 -17.40 15.04
N ILE B 87 14.54 -17.95 14.08
CA ILE B 87 15.17 -19.22 14.29
C ILE B 87 16.62 -19.09 14.78
N GLN B 88 17.02 -19.97 15.69
CA GLN B 88 18.39 -19.95 16.18
C GLN B 88 18.92 -21.36 16.40
N VAL B 89 19.74 -21.82 15.45
CA VAL B 89 20.33 -23.14 15.54
C VAL B 89 21.67 -22.99 16.22
N GLY B 90 21.81 -23.57 17.41
CA GLY B 90 23.05 -23.46 18.14
C GLY B 90 23.39 -22.03 18.48
N ASN B 91 24.39 -21.48 17.81
CA ASN B 91 24.83 -20.10 18.04
C ASN B 91 24.46 -19.20 16.87
N THR B 92 23.93 -19.79 15.80
CA THR B 92 23.52 -19.05 14.60
C THR B 92 22.09 -18.48 14.70
N ARG B 93 21.97 -17.16 14.66
CA ARG B 93 20.68 -16.49 14.76
C ARG B 93 20.25 -15.88 13.42
N THR B 94 19.19 -16.41 12.83
CA THR B 94 18.72 -15.88 11.56
C THR B 94 17.20 -15.78 11.59
N ILE B 95 16.60 -15.40 10.45
CA ILE B 95 15.16 -15.28 10.34
C ILE B 95 14.70 -15.89 9.04
N ALA B 96 13.77 -16.84 9.09
CA ALA B 96 13.29 -17.44 7.85
C ALA B 96 11.82 -17.04 7.69
N CYS B 97 11.40 -16.79 6.45
CA CYS B 97 10.02 -16.42 6.18
C CYS B 97 9.57 -16.96 4.84
N GLN B 98 8.33 -16.67 4.48
CA GLN B 98 7.78 -17.12 3.20
C GLN B 98 7.88 -15.94 2.25
N TYR B 99 7.72 -16.18 0.96
CA TYR B 99 7.79 -15.07 0.02
C TYR B 99 6.57 -14.23 0.32
N PRO B 100 6.80 -12.98 0.74
CA PRO B 100 5.70 -12.06 1.07
C PRO B 100 4.63 -11.89 0.00
N LEU B 101 3.37 -11.89 0.43
CA LEU B 101 2.22 -11.69 -0.48
C LEU B 101 2.20 -10.19 -0.67
N GLN B 102 1.58 -9.69 -1.75
CA GLN B 102 1.54 -8.25 -1.99
C GLN B 102 0.92 -7.49 -0.82
N SER B 103 -0.05 -8.13 -0.17
CA SER B 103 -0.74 -7.57 0.96
C SER B 103 0.12 -7.52 2.23
N GLN B 104 1.38 -7.94 2.11
CA GLN B 104 2.28 -7.96 3.26
C GLN B 104 3.55 -7.15 2.98
N LEU B 105 3.82 -6.87 1.70
CA LEU B 105 5.02 -6.13 1.33
C LEU B 105 5.27 -4.91 2.19
N GLU B 106 4.23 -4.14 2.50
CA GLU B 106 4.45 -2.96 3.31
C GLU B 106 5.01 -3.36 4.68
N SER B 107 4.42 -4.40 5.27
CA SER B 107 4.88 -4.85 6.57
C SER B 107 6.24 -5.53 6.48
N HIS B 108 6.43 -6.29 5.40
CA HIS B 108 7.67 -7.01 5.15
C HIS B 108 8.85 -6.05 5.18
N PHE B 109 8.72 -4.91 4.52
CA PHE B 109 9.79 -3.94 4.51
C PHE B 109 10.11 -3.37 5.88
N ARG B 110 9.09 -3.09 6.68
CA ARG B 110 9.31 -2.53 8.02
C ARG B 110 10.07 -3.49 8.90
N MET B 111 9.99 -4.77 8.58
CA MET B 111 10.70 -5.75 9.38
C MET B 111 12.17 -5.71 9.06
N LEU B 112 12.50 -5.63 7.78
CA LEU B 112 13.87 -5.56 7.32
C LEU B 112 14.57 -4.32 7.86
N ALA B 113 13.82 -3.23 8.00
CA ALA B 113 14.38 -2.00 8.52
C ALA B 113 14.58 -2.08 10.03
N GLU B 114 13.55 -2.46 10.78
CA GLU B 114 13.64 -2.56 12.24
C GLU B 114 14.70 -3.56 12.68
N ASN B 115 14.96 -4.53 11.80
CA ASN B 115 15.94 -5.58 12.03
C ASN B 115 17.38 -5.18 11.68
N ARG B 116 17.52 -4.07 10.97
CA ARG B 116 18.85 -3.62 10.57
C ARG B 116 19.47 -4.79 9.82
N THR B 117 18.73 -5.33 8.86
CA THR B 117 19.18 -6.50 8.09
C THR B 117 20.51 -6.38 7.38
N PRO B 118 21.51 -7.17 7.83
CA PRO B 118 22.86 -7.18 7.26
C PRO B 118 22.93 -7.91 5.91
N VAL B 119 21.98 -8.82 5.69
CA VAL B 119 21.90 -9.57 4.45
C VAL B 119 20.54 -10.25 4.26
N LEU B 120 19.97 -10.05 3.07
CA LEU B 120 18.67 -10.65 2.70
C LEU B 120 18.95 -11.64 1.60
N ALA B 121 18.59 -12.90 1.81
CA ALA B 121 18.84 -13.93 0.81
C ALA B 121 17.53 -14.47 0.23
N VAL B 122 17.38 -14.37 -1.08
CA VAL B 122 16.19 -14.86 -1.76
C VAL B 122 16.62 -16.07 -2.59
N LEU B 123 15.98 -17.21 -2.36
CA LEU B 123 16.32 -18.43 -3.08
C LEU B 123 15.22 -18.81 -4.08
N ALA B 124 14.36 -17.85 -4.42
CA ALA B 124 13.28 -18.08 -5.37
C ALA B 124 13.75 -17.88 -6.81
N SER B 125 13.49 -18.86 -7.68
CA SER B 125 13.94 -18.76 -9.07
C SER B 125 13.33 -17.56 -9.81
N SER B 126 14.07 -17.03 -10.79
CA SER B 126 13.57 -15.89 -11.56
C SER B 126 12.29 -16.27 -12.27
N SER B 127 12.24 -17.53 -12.70
CA SER B 127 11.08 -18.08 -13.40
C SER B 127 9.86 -18.02 -12.50
N GLU B 128 10.05 -18.30 -11.21
CA GLU B 128 8.99 -18.28 -10.23
C GLU B 128 8.46 -16.89 -10.04
N ILE B 129 9.35 -15.96 -9.78
CA ILE B 129 8.94 -14.59 -9.57
C ILE B 129 8.23 -14.08 -10.81
N ALA B 130 8.59 -14.69 -11.94
CA ALA B 130 8.05 -14.32 -13.26
C ALA B 130 6.59 -14.76 -13.46
N ASN B 131 6.34 -16.04 -13.24
CA ASN B 131 5.01 -16.63 -13.36
C ASN B 131 4.03 -15.79 -12.56
N GLN B 132 3.12 -15.15 -13.25
CA GLN B 132 2.14 -14.29 -12.60
C GLN B 132 1.10 -14.99 -11.69
N ARG B 133 1.01 -16.31 -11.82
CA ARG B 133 0.05 -17.09 -11.02
C ARG B 133 0.54 -17.34 -9.59
N PHE B 134 1.85 -17.51 -9.47
CA PHE B 134 2.48 -17.76 -8.20
C PHE B 134 2.40 -16.61 -7.20
N GLY B 135 1.95 -15.46 -7.67
CA GLY B 135 1.80 -14.32 -6.79
C GLY B 135 3.02 -13.92 -5.98
N MET B 136 4.20 -13.95 -6.61
CA MET B 136 5.45 -13.57 -5.97
C MET B 136 5.94 -12.23 -6.49
N PRO B 137 5.64 -11.13 -5.78
CA PRO B 137 6.01 -9.76 -6.11
C PRO B 137 7.52 -9.59 -6.27
N ASP B 138 7.92 -8.91 -7.33
CA ASP B 138 9.33 -8.64 -7.60
C ASP B 138 9.61 -7.34 -6.83
N TYR B 139 9.76 -7.45 -5.52
CA TYR B 139 9.98 -6.28 -4.69
C TYR B 139 11.43 -5.86 -4.46
N PHE B 140 12.40 -6.60 -4.99
CA PHE B 140 13.78 -6.20 -4.76
C PHE B 140 14.63 -5.91 -5.99
N ARG B 141 14.16 -6.29 -7.16
CA ARG B 141 14.92 -6.03 -8.37
C ARG B 141 14.55 -4.71 -9.01
N GLN B 142 13.41 -4.13 -8.58
CA GLN B 142 12.95 -2.84 -9.11
C GLN B 142 12.53 -1.93 -7.98
N SER B 143 12.50 -0.63 -8.23
CA SER B 143 12.09 0.34 -7.20
C SER B 143 10.56 0.46 -7.12
N GLY B 144 10.07 1.13 -6.08
CA GLY B 144 8.63 1.28 -5.95
C GLY B 144 8.15 1.96 -4.68
N THR B 145 6.84 2.11 -4.58
CA THR B 145 6.23 2.72 -3.40
C THR B 145 5.18 1.76 -2.85
N TYR B 146 5.30 1.43 -1.57
CA TYR B 146 4.37 0.50 -0.94
C TYR B 146 3.81 1.17 0.30
N GLY B 147 2.63 1.77 0.19
CA GLY B 147 2.04 2.44 1.33
C GLY B 147 2.85 3.68 1.63
N SER B 148 3.37 3.78 2.84
CA SER B 148 4.16 4.95 3.24
C SER B 148 5.67 4.72 3.12
N ILE B 149 6.04 3.51 2.71
CA ILE B 149 7.45 3.16 2.52
C ILE B 149 7.82 3.42 1.07
N THR B 150 9.06 3.87 0.86
CA THR B 150 9.61 4.17 -0.45
C THR B 150 10.93 3.41 -0.65
N VAL B 151 10.88 2.23 -1.25
CA VAL B 151 12.08 1.46 -1.48
C VAL B 151 12.81 1.84 -2.77
N GLU B 152 14.04 1.37 -2.91
CA GLU B 152 14.83 1.65 -4.10
C GLU B 152 15.88 0.56 -4.32
N SER B 153 15.76 -0.15 -5.44
CA SER B 153 16.67 -1.22 -5.74
C SER B 153 17.82 -0.74 -6.62
N LYS B 154 18.98 -1.38 -6.44
CA LYS B 154 20.17 -1.03 -7.19
C LYS B 154 21.03 -2.27 -7.38
N MET B 155 21.36 -2.57 -8.63
CA MET B 155 22.18 -3.74 -8.94
C MET B 155 23.66 -3.49 -8.71
N THR B 156 24.33 -4.49 -8.15
CA THR B 156 25.76 -4.38 -7.85
C THR B 156 26.55 -5.52 -8.49
N GLN B 157 27.08 -6.39 -7.64
CA GLN B 157 27.89 -7.52 -8.07
C GLN B 157 27.08 -8.67 -8.59
N GLN B 158 27.81 -9.67 -9.07
CA GLN B 158 27.23 -10.90 -9.60
C GLN B 158 28.29 -11.99 -9.45
N VAL B 159 28.09 -12.88 -8.48
CA VAL B 159 29.04 -13.94 -8.20
C VAL B 159 28.56 -15.36 -8.53
N GLY B 160 29.39 -16.09 -9.27
CA GLY B 160 29.06 -17.46 -9.63
C GLY B 160 29.40 -18.36 -8.46
N LEU B 161 28.64 -19.44 -8.31
CA LEU B 161 28.81 -20.38 -7.21
C LEU B 161 29.10 -21.79 -7.71
N GLY B 162 29.46 -21.91 -8.98
CA GLY B 162 29.76 -23.22 -9.55
C GLY B 162 28.53 -23.90 -10.08
N ASP B 163 28.72 -24.96 -10.86
CA ASP B 163 27.59 -25.70 -11.43
C ASP B 163 26.66 -24.81 -12.22
N GLY B 164 27.13 -23.62 -12.58
CA GLY B 164 26.34 -22.70 -13.36
C GLY B 164 25.41 -21.83 -12.53
N ILE B 165 25.22 -22.20 -11.27
CA ILE B 165 24.35 -21.43 -10.37
C ILE B 165 24.99 -20.06 -10.13
N MET B 166 24.18 -19.02 -10.22
CA MET B 166 24.70 -17.67 -10.02
C MET B 166 23.86 -16.84 -9.06
N ALA B 167 24.52 -15.89 -8.41
CA ALA B 167 23.85 -15.00 -7.47
C ALA B 167 23.97 -13.56 -7.94
N ASP B 168 22.85 -12.87 -8.00
CA ASP B 168 22.89 -11.47 -8.41
C ASP B 168 22.68 -10.65 -7.16
N MET B 169 23.46 -9.59 -7.00
CA MET B 169 23.29 -8.77 -5.82
C MET B 169 22.68 -7.39 -6.08
N TYR B 170 21.82 -6.99 -5.15
CA TYR B 170 21.14 -5.70 -5.17
C TYR B 170 21.29 -5.07 -3.81
N THR B 171 20.93 -3.79 -3.74
CA THR B 171 20.97 -2.97 -2.52
C THR B 171 19.67 -2.16 -2.41
N LEU B 172 18.78 -2.66 -1.57
CA LEU B 172 17.50 -2.03 -1.30
C LEU B 172 17.70 -0.86 -0.35
N THR B 173 16.79 0.09 -0.38
CA THR B 173 16.90 1.26 0.47
C THR B 173 15.51 1.61 0.95
N ILE B 174 15.12 1.08 2.10
CA ILE B 174 13.80 1.31 2.69
C ILE B 174 13.73 2.67 3.37
N ARG B 175 13.00 3.60 2.77
CA ARG B 175 12.86 4.95 3.30
C ARG B 175 11.42 5.28 3.68
N GLU B 176 11.18 5.57 4.95
CA GLU B 176 9.84 5.90 5.43
C GLU B 176 9.89 7.15 6.30
N ALA B 177 9.00 8.10 6.03
CA ALA B 177 8.96 9.33 6.80
C ALA B 177 8.81 9.08 8.29
N GLY B 178 9.70 9.70 9.07
CA GLY B 178 9.67 9.54 10.51
C GLY B 178 10.45 8.32 11.00
N GLN B 179 11.19 7.70 10.08
CA GLN B 179 12.00 6.53 10.37
C GLN B 179 13.39 6.62 9.74
N LYS B 180 14.33 5.87 10.28
CA LYS B 180 15.70 5.83 9.77
C LYS B 180 15.71 5.19 8.39
N THR B 181 16.61 5.64 7.52
CA THR B 181 16.74 5.07 6.18
C THR B 181 17.70 3.88 6.28
N ILE B 182 17.23 2.70 5.88
CA ILE B 182 18.04 1.49 5.95
C ILE B 182 18.41 0.91 4.59
N SER B 183 19.70 0.60 4.39
CA SER B 183 20.18 -0.01 3.15
C SER B 183 20.23 -1.49 3.46
N VAL B 184 19.79 -2.32 2.52
CA VAL B 184 19.78 -3.75 2.74
C VAL B 184 20.44 -4.51 1.57
N PRO B 185 21.54 -5.25 1.86
CA PRO B 185 22.28 -6.04 0.86
C PRO B 185 21.48 -7.26 0.42
N VAL B 186 21.24 -7.45 -0.89
CA VAL B 186 20.46 -8.60 -1.32
C VAL B 186 21.19 -9.62 -2.20
N VAL B 187 21.09 -10.88 -1.83
CA VAL B 187 21.71 -11.93 -2.61
C VAL B 187 20.57 -12.73 -3.21
N HIS B 188 20.48 -12.70 -4.53
CA HIS B 188 19.41 -13.40 -5.19
C HIS B 188 19.93 -14.53 -6.07
N VAL B 189 19.54 -15.75 -5.75
CA VAL B 189 19.96 -16.91 -6.53
C VAL B 189 18.77 -17.31 -7.41
N GLY B 190 18.85 -16.98 -8.70
CA GLY B 190 17.76 -17.29 -9.60
C GLY B 190 17.70 -18.59 -10.40
N ASN B 191 18.67 -19.48 -10.23
CA ASN B 191 18.68 -20.74 -10.99
C ASN B 191 18.42 -21.96 -10.14
N TRP B 192 18.07 -21.77 -8.88
CA TRP B 192 17.82 -22.92 -8.02
C TRP B 192 16.36 -23.30 -8.22
N PRO B 193 16.09 -24.41 -8.95
CA PRO B 193 14.72 -24.87 -9.21
C PRO B 193 13.91 -25.07 -7.94
N ASP B 194 12.63 -25.39 -8.10
CA ASP B 194 11.76 -25.62 -6.95
C ASP B 194 11.86 -27.10 -6.56
N GLN B 195 11.73 -27.38 -5.28
CA GLN B 195 11.78 -28.76 -4.80
C GLN B 195 13.10 -29.45 -5.15
N THR B 196 14.13 -28.68 -5.50
CA THR B 196 15.45 -29.24 -5.83
C THR B 196 16.47 -28.98 -4.73
N ALA B 197 17.73 -29.32 -5.02
CA ALA B 197 18.82 -29.13 -4.06
C ALA B 197 20.16 -29.05 -4.79
N VAL B 198 20.81 -27.89 -4.76
CA VAL B 198 22.11 -27.76 -5.41
C VAL B 198 23.16 -28.58 -4.66
N SER B 199 24.22 -28.99 -5.37
CA SER B 199 25.28 -29.79 -4.77
C SER B 199 25.84 -29.12 -3.52
N SER B 200 26.51 -29.90 -2.69
CA SER B 200 27.10 -29.35 -1.47
C SER B 200 28.09 -28.23 -1.82
N GLU B 201 28.79 -28.39 -2.94
CA GLU B 201 29.77 -27.40 -3.38
C GLU B 201 29.11 -26.03 -3.46
N VAL B 202 28.09 -25.95 -4.31
CA VAL B 202 27.37 -24.71 -4.50
C VAL B 202 26.87 -24.19 -3.16
N THR B 203 26.13 -25.04 -2.45
CA THR B 203 25.55 -24.72 -1.14
C THR B 203 26.59 -24.10 -0.20
N LYS B 204 27.76 -24.73 -0.10
CA LYS B 204 28.83 -24.25 0.76
C LYS B 204 29.30 -22.87 0.34
N ALA B 205 29.54 -22.72 -0.96
CA ALA B 205 30.00 -21.47 -1.54
C ALA B 205 28.95 -20.39 -1.31
N LEU B 206 27.68 -20.80 -1.36
CA LEU B 206 26.55 -19.90 -1.15
C LEU B 206 26.53 -19.41 0.30
N ALA B 207 26.61 -20.34 1.26
CA ALA B 207 26.59 -19.97 2.67
C ALA B 207 27.73 -19.02 3.02
N SER B 208 28.88 -19.22 2.38
CA SER B 208 30.05 -18.38 2.64
C SER B 208 29.91 -16.95 2.15
N LEU B 209 29.16 -16.76 1.07
CA LEU B 209 28.92 -15.44 0.48
C LEU B 209 27.94 -14.65 1.34
N VAL B 210 26.92 -15.32 1.84
CA VAL B 210 25.94 -14.67 2.69
C VAL B 210 26.64 -14.21 3.97
N ASP B 211 27.46 -15.06 4.58
CA ASP B 211 28.18 -14.71 5.79
C ASP B 211 29.13 -13.50 5.60
N GLN B 212 29.84 -13.45 4.46
CA GLN B 212 30.76 -12.34 4.19
C GLN B 212 30.00 -11.09 3.85
N THR B 213 28.72 -11.24 3.50
CA THR B 213 27.90 -10.09 3.16
C THR B 213 27.36 -9.46 4.44
N ALA B 214 26.79 -10.28 5.31
CA ALA B 214 26.24 -9.80 6.57
C ALA B 214 27.35 -9.30 7.48
N GLU B 215 28.51 -9.92 7.39
CA GLU B 215 29.64 -9.53 8.23
C GLU B 215 30.15 -8.12 7.90
N THR B 216 30.20 -7.79 6.61
CA THR B 216 30.64 -6.49 6.16
C THR B 216 29.65 -5.41 6.59
N LYS B 217 28.36 -5.73 6.48
CA LYS B 217 27.29 -4.79 6.83
C LYS B 217 27.15 -4.59 8.33
N ARG B 218 27.19 -5.69 9.09
CA ARG B 218 27.10 -5.63 10.53
C ARG B 218 28.26 -4.80 11.10
N ASN B 219 29.40 -4.80 10.41
CA ASN B 219 30.56 -4.03 10.87
C ASN B 219 30.30 -2.54 10.79
N MET B 220 29.67 -2.15 9.68
CA MET B 220 29.32 -0.77 9.41
C MET B 220 28.38 -0.27 10.49
N TYR B 221 27.49 -1.14 10.95
CA TYR B 221 26.56 -0.78 11.99
C TYR B 221 27.27 -0.57 13.32
N GLU B 222 28.22 -1.45 13.64
CA GLU B 222 29.00 -1.35 14.88
C GLU B 222 29.83 -0.09 14.88
N SER B 223 30.42 0.19 13.72
CA SER B 223 31.25 1.36 13.53
C SER B 223 30.46 2.63 13.80
N LYS B 224 29.18 2.63 13.42
CA LYS B 224 28.31 3.80 13.60
C LYS B 224 27.62 3.87 14.95
N GLY B 225 27.89 2.90 15.81
CA GLY B 225 27.31 2.90 17.13
C GLY B 225 25.83 2.60 17.26
N SER B 226 25.25 1.85 16.32
CA SER B 226 23.85 1.53 16.41
C SER B 226 23.58 0.66 17.63
N SER B 227 22.38 0.77 18.18
CA SER B 227 22.01 -0.01 19.36
C SER B 227 21.45 -1.37 19.00
N ALA B 228 21.57 -1.74 17.73
CA ALA B 228 21.06 -3.02 17.30
C ALA B 228 22.11 -4.09 17.63
N VAL B 229 23.33 -3.66 17.93
CA VAL B 229 24.40 -4.59 18.24
C VAL B 229 24.25 -5.13 19.67
N ALA B 230 23.26 -4.59 20.39
CA ALA B 230 22.99 -4.98 21.78
C ALA B 230 21.67 -5.75 21.90
N ASP B 231 21.05 -6.04 20.77
CA ASP B 231 19.78 -6.74 20.76
C ASP B 231 19.89 -8.02 19.96
N ASP B 232 19.59 -9.15 20.59
CA ASP B 232 19.68 -10.44 19.93
C ASP B 232 18.58 -10.68 18.94
N SER B 233 17.63 -9.75 18.88
CA SER B 233 16.53 -9.91 17.94
C SER B 233 16.75 -9.07 16.69
N LYS B 234 17.91 -8.40 16.60
CA LYS B 234 18.21 -7.58 15.43
C LYS B 234 19.53 -8.03 14.76
N LEU B 235 19.80 -7.52 13.56
CA LEU B 235 21.02 -7.87 12.82
C LEU B 235 21.02 -9.32 12.41
N ARG B 236 19.83 -9.94 12.33
CA ARG B 236 19.73 -11.34 11.93
C ARG B 236 19.47 -11.47 10.43
N PRO B 237 20.35 -12.20 9.72
CA PRO B 237 20.20 -12.40 8.28
C PRO B 237 18.80 -12.91 8.01
N VAL B 238 18.12 -12.30 7.04
CA VAL B 238 16.78 -12.76 6.69
C VAL B 238 16.87 -13.55 5.42
N ILE B 239 16.33 -14.76 5.45
CA ILE B 239 16.36 -15.65 4.29
C ILE B 239 14.95 -16.15 4.00
N HIS B 240 14.62 -16.31 2.73
CA HIS B 240 13.33 -16.85 2.32
C HIS B 240 13.41 -17.33 0.87
N SER B 241 12.71 -18.42 0.57
CA SER B 241 12.65 -19.00 -0.77
C SER B 241 11.23 -18.67 -1.25
N ARG B 242 10.39 -19.69 -1.38
CA ARG B 242 9.01 -19.46 -1.78
C ARG B 242 8.12 -19.76 -0.57
N ALA B 243 8.19 -20.99 -0.07
CA ALA B 243 7.41 -21.39 1.10
C ALA B 243 8.26 -21.12 2.32
N GLY B 244 9.59 -21.14 2.12
CA GLY B 244 10.54 -20.90 3.20
C GLY B 244 10.79 -22.09 4.10
N VAL B 245 10.76 -23.31 3.54
CA VAL B 245 10.98 -24.50 4.34
C VAL B 245 11.94 -25.51 3.70
N GLY B 246 12.09 -25.42 2.38
CA GLY B 246 12.97 -26.32 1.67
C GLY B 246 14.35 -25.73 1.38
N ARG B 247 14.43 -24.91 0.34
CA ARG B 247 15.68 -24.26 -0.06
C ARG B 247 16.20 -23.34 1.03
N THR B 248 15.28 -22.80 1.83
CA THR B 248 15.64 -21.89 2.91
C THR B 248 16.34 -22.69 3.99
N ALA B 249 15.82 -23.88 4.26
CA ALA B 249 16.39 -24.74 5.29
C ALA B 249 17.81 -25.18 4.94
N GLN B 250 18.02 -25.71 3.74
CA GLN B 250 19.34 -26.18 3.29
C GLN B 250 20.41 -25.10 3.44
N LEU B 251 20.09 -23.87 3.05
CA LEU B 251 21.05 -22.78 3.19
C LEU B 251 21.33 -22.51 4.64
N ILE B 252 20.28 -22.43 5.45
CA ILE B 252 20.43 -22.16 6.88
C ILE B 252 21.28 -23.25 7.54
N GLY B 253 21.02 -24.50 7.19
CA GLY B 253 21.78 -25.60 7.76
C GLY B 253 23.25 -25.47 7.43
N ALA B 254 23.55 -24.93 6.25
CA ALA B 254 24.92 -24.74 5.81
C ALA B 254 25.58 -23.57 6.55
N MET B 255 24.81 -22.52 6.80
CA MET B 255 25.34 -21.34 7.50
C MET B 255 25.73 -21.73 8.92
N CYS B 256 24.90 -22.56 9.50
CA CYS B 256 25.07 -23.06 10.84
C CYS B 256 26.44 -23.74 10.99
N MET B 257 26.76 -24.60 10.03
CA MET B 257 27.99 -25.35 9.97
C MET B 257 29.17 -24.46 9.56
N ASN B 258 28.87 -23.33 8.93
CA ASN B 258 29.91 -22.41 8.48
C ASN B 258 30.43 -21.60 9.68
N ASP B 259 29.80 -21.80 10.83
CA ASP B 259 30.15 -21.12 12.07
C ASP B 259 31.14 -21.96 12.88
N SER B 260 32.16 -21.32 13.43
CA SER B 260 33.17 -22.03 14.21
C SER B 260 32.77 -22.21 15.67
N ARG B 261 31.62 -21.67 16.05
CA ARG B 261 31.14 -21.79 17.42
C ARG B 261 30.18 -22.96 17.58
N ASN B 262 29.67 -23.47 16.46
CA ASN B 262 28.72 -24.59 16.51
C ASN B 262 29.40 -25.95 16.31
N SER B 263 30.45 -26.19 17.09
CA SER B 263 31.18 -27.45 17.02
C SER B 263 30.44 -28.49 17.83
N GLN B 264 30.28 -29.68 17.27
CA GLN B 264 29.60 -30.77 17.94
C GLN B 264 28.08 -30.77 17.77
N LEU B 265 27.54 -29.68 17.21
CA LEU B 265 26.11 -29.60 16.97
C LEU B 265 25.81 -30.63 15.89
N SER B 266 24.96 -31.62 16.18
CA SER B 266 24.66 -32.65 15.21
C SER B 266 23.58 -32.27 14.20
N VAL B 267 23.42 -33.11 13.17
CA VAL B 267 22.41 -32.85 12.15
C VAL B 267 21.03 -32.96 12.80
N GLU B 268 20.90 -33.89 13.73
CA GLU B 268 19.63 -34.05 14.42
C GLU B 268 19.25 -32.74 15.10
N ASP B 269 20.22 -32.09 15.75
CA ASP B 269 19.97 -30.82 16.43
C ASP B 269 19.62 -29.72 15.45
N MET B 270 20.38 -29.62 14.37
CA MET B 270 20.11 -28.58 13.38
C MET B 270 18.68 -28.62 12.88
N VAL B 271 18.27 -29.78 12.36
CA VAL B 271 16.93 -29.92 11.81
C VAL B 271 15.79 -29.78 12.84
N SER B 272 15.91 -30.50 13.95
CA SER B 272 14.89 -30.42 15.01
C SER B 272 14.66 -28.98 15.45
N GLN B 273 15.73 -28.24 15.77
CA GLN B 273 15.59 -26.86 16.21
C GLN B 273 14.90 -26.00 15.16
N MET B 274 15.14 -26.28 13.88
CA MET B 274 14.52 -25.49 12.80
C MET B 274 13.03 -25.76 12.75
N ARG B 275 12.67 -27.01 12.91
CA ARG B 275 11.27 -27.41 12.87
C ARG B 275 10.46 -26.93 14.06
N VAL B 276 11.08 -26.96 15.24
CA VAL B 276 10.43 -26.53 16.46
C VAL B 276 10.34 -25.00 16.57
N GLN B 277 11.08 -24.28 15.74
CA GLN B 277 11.06 -22.82 15.78
C GLN B 277 10.33 -22.21 14.58
N ARG B 278 9.84 -23.06 13.68
CA ARG B 278 9.08 -22.58 12.52
C ARG B 278 7.95 -23.56 12.22
N ASN B 279 8.29 -24.76 11.73
CA ASN B 279 7.30 -25.80 11.46
C ASN B 279 8.00 -27.08 11.01
N GLY B 280 7.39 -28.23 11.26
CA GLY B 280 7.97 -29.50 10.89
C GLY B 280 8.21 -29.79 9.42
N ILE B 281 8.35 -28.76 8.60
CA ILE B 281 8.57 -28.93 7.16
C ILE B 281 9.98 -28.55 6.72
N MET B 282 10.68 -27.79 7.57
CA MET B 282 12.04 -27.39 7.31
C MET B 282 12.81 -28.59 6.77
N VAL B 283 13.51 -28.38 5.67
CA VAL B 283 14.25 -29.42 4.98
C VAL B 283 13.21 -30.42 4.48
N GLN B 284 12.42 -29.93 3.54
CA GLN B 284 11.33 -30.68 2.93
C GLN B 284 11.75 -31.97 2.22
N LYS B 285 12.47 -31.82 1.10
CA LYS B 285 12.93 -32.95 0.28
C LYS B 285 14.06 -33.71 0.95
N ASP B 286 14.34 -34.92 0.47
CA ASP B 286 15.44 -35.67 1.05
C ASP B 286 16.75 -35.28 0.38
N GLU B 287 16.68 -34.91 -0.90
CA GLU B 287 17.86 -34.52 -1.61
C GLU B 287 18.47 -33.29 -0.94
N GLN B 288 17.68 -32.63 -0.10
CA GLN B 288 18.17 -31.44 0.61
C GLN B 288 18.81 -31.85 1.94
N LEU B 289 18.22 -32.83 2.62
CA LEU B 289 18.80 -33.28 3.87
C LEU B 289 20.18 -33.90 3.59
N ASP B 290 20.25 -34.66 2.49
CA ASP B 290 21.48 -35.32 2.05
C ASP B 290 22.61 -34.35 1.83
N VAL B 291 22.31 -33.19 1.28
CA VAL B 291 23.33 -32.19 1.05
C VAL B 291 23.86 -31.79 2.44
N LEU B 292 22.99 -31.82 3.45
CA LEU B 292 23.40 -31.47 4.80
C LEU B 292 24.20 -32.61 5.43
N ILE B 293 23.82 -33.83 5.10
CA ILE B 293 24.51 -34.99 5.62
C ILE B 293 25.90 -35.08 5.03
N LYS B 294 26.03 -34.81 3.74
CA LYS B 294 27.33 -34.84 3.09
C LYS B 294 28.27 -33.75 3.59
N LEU B 295 27.72 -32.58 3.90
CA LEU B 295 28.55 -31.48 4.40
C LEU B 295 29.02 -31.79 5.81
N ALA B 296 28.12 -32.41 6.58
CA ALA B 296 28.40 -32.80 7.96
C ALA B 296 29.38 -33.96 7.99
N GLU B 297 29.41 -34.73 6.91
CA GLU B 297 30.30 -35.87 6.81
C GLU B 297 31.71 -35.41 6.52
N GLY B 298 31.83 -34.24 5.91
CA GLY B 298 33.14 -33.72 5.59
C GLY B 298 33.77 -33.06 6.79
N GLN B 299 32.95 -32.58 7.71
CA GLN B 299 33.54 -31.94 8.87
C GLN B 299 33.60 -32.91 10.04
N GLY B 300 33.26 -34.17 9.79
CA GLY B 300 33.28 -35.14 10.87
C GLY B 300 32.33 -34.73 11.98
N ARG B 301 31.18 -34.20 11.59
CA ARG B 301 30.13 -33.74 12.50
C ARG B 301 29.12 -34.87 12.65
N PRO B 302 28.71 -35.16 13.88
CA PRO B 302 27.73 -36.23 14.11
C PRO B 302 26.33 -35.98 13.53
N LEU B 303 25.64 -37.06 13.21
CA LEU B 303 24.30 -36.95 12.67
C LEU B 303 23.30 -37.07 13.79
N LEU B 304 23.48 -38.12 14.60
CA LEU B 304 22.60 -38.45 15.73
C LEU B 304 23.14 -38.03 17.10
N ASN B 305 22.25 -38.03 18.09
CA ASN B 305 22.59 -37.68 19.45
C ASN B 305 22.72 -38.89 20.36
N SER B 306 22.88 -38.62 21.65
CA SER B 306 23.05 -39.63 22.71
C SER B 306 24.21 -40.56 22.39
N ALA C 3 -11.65 -9.43 -18.47
CA ALA C 3 -11.00 -8.92 -17.21
C ALA C 3 -10.52 -7.47 -17.37
N ASP C 4 -10.17 -7.09 -18.58
CA ASP C 4 -9.74 -5.72 -18.89
C ASP C 4 -10.79 -5.16 -19.84
N GLU C 5 -12.03 -5.59 -19.60
CA GLU C 5 -13.19 -5.22 -20.38
C GLU C 5 -13.29 -3.74 -20.74
N LEU C 7 -10.78 -1.45 -20.61
CA LEU C 7 -9.48 -0.84 -20.79
C LEU C 7 -9.21 -0.46 -22.26
N ALA E 3 19.36 11.48 10.42
CA ALA E 3 18.19 10.82 9.76
C ALA E 3 18.62 9.72 8.78
N ASP E 4 19.79 9.92 8.17
CA ASP E 4 20.37 8.94 7.25
C ASP E 4 21.64 8.43 7.91
N GLU E 5 21.56 8.36 9.25
CA GLU E 5 22.66 7.93 10.11
C GLU E 5 23.43 6.71 9.62
N LEU E 7 23.42 5.42 6.49
CA LEU E 7 23.47 5.35 5.03
C LEU E 7 24.89 5.60 4.50
#